data_7ZGD
#
_entry.id   7ZGD
#
_cell.length_a   86.728
_cell.length_b   86.728
_cell.length_c   109.610
_cell.angle_alpha   90.00
_cell.angle_beta   90.00
_cell.angle_gamma   120.00
#
_symmetry.space_group_name_H-M   'P 32 2 1'
#
loop_
_entity.id
_entity.type
_entity.pdbx_description
1 polymer 'SEC14 cytosolic factor'
2 non-polymer (4-bromanyl-3-nitro-phenyl)-[4-(2-fluorophenyl)piperazin-1-yl]methanone
3 water water
#
_entity_poly.entity_id   1
_entity_poly.type   'polypeptide(L)'
_entity_poly.pdbx_seq_one_letter_code
;HHHHHHHHMVTQQEKEFLESYPQNCPPDALPGTPGNLDSAQEKALAELRKLLEDAGFIERLDDSTLLRFLRARKFDVQLA
KEMFENCEKWRKDYGTDTILQDFHYDEKPLIAKFYPQYYHKTDKDGRPVYFEELGAVNLHEMNKVTSEERMLKNLVWEYE
SVVQYRLPACSRAAGHLVETSCTIMDLKGISISSAYSVMSYVREASYISQNYYPERMGKFYIINAPFGFSTAFRLFKPFL
DPVTVSKIFILGSSYQKELLKQIPAENLPVKFGGKSEVDESKGGLYLSDIGPWRDPKYIGPEGEAPEAFSMK
;
_entity_poly.pdbx_strand_id   A
#
# COMPACT_ATOMS: atom_id res chain seq x y z
N THR A 11 -12.47 -6.74 -22.57
CA THR A 11 -12.65 -5.31 -22.45
C THR A 11 -11.88 -4.56 -23.52
N GLN A 12 -10.72 -5.11 -23.87
CA GLN A 12 -9.80 -4.69 -24.95
C GLN A 12 -8.91 -3.51 -24.68
N GLN A 13 -9.12 -2.85 -23.56
CA GLN A 13 -8.26 -1.77 -23.12
C GLN A 13 -7.53 -2.35 -21.94
N GLU A 14 -8.30 -3.01 -21.08
CA GLU A 14 -7.83 -3.70 -19.90
C GLU A 14 -6.94 -4.86 -20.31
N LYS A 15 -7.30 -5.54 -21.40
CA LYS A 15 -6.52 -6.66 -21.88
C LYS A 15 -5.14 -6.21 -22.25
N GLU A 16 -5.06 -5.08 -22.94
CA GLU A 16 -3.82 -4.48 -23.33
C GLU A 16 -3.01 -4.10 -22.11
N PHE A 17 -3.69 -3.54 -21.12
CA PHE A 17 -3.04 -3.11 -19.92
C PHE A 17 -2.55 -4.29 -19.08
N LEU A 18 -3.34 -5.33 -18.99
CA LEU A 18 -2.98 -6.47 -18.16
C LEU A 18 -1.79 -7.24 -18.71
N GLU A 19 -1.67 -7.33 -20.04
CA GLU A 19 -0.52 -8.02 -20.61
C GLU A 19 0.68 -7.09 -20.78
N SER A 20 0.60 -5.86 -20.28
CA SER A 20 1.72 -4.93 -20.41
C SER A 20 2.68 -4.99 -19.22
N TYR A 21 2.37 -5.80 -18.20
CA TYR A 21 3.31 -6.00 -17.10
C TYR A 21 3.25 -7.46 -16.67
N PRO A 22 4.32 -7.98 -16.04
CA PRO A 22 4.33 -9.38 -15.57
C PRO A 22 3.18 -9.69 -14.62
N GLN A 23 2.56 -10.85 -14.81
CA GLN A 23 1.34 -11.21 -14.08
C GLN A 23 1.55 -12.34 -13.08
N ASN A 24 2.74 -12.92 -13.00
CA ASN A 24 3.00 -14.01 -12.06
C ASN A 24 3.88 -13.54 -10.91
N CYS A 25 3.53 -13.95 -9.70
CA CYS A 25 4.39 -13.77 -8.55
C CYS A 25 5.57 -14.75 -8.63
N PRO A 26 6.69 -14.45 -7.97
CA PRO A 26 7.77 -15.42 -7.89
C PRO A 26 7.29 -16.71 -7.27
N PRO A 27 7.92 -17.84 -7.62
CA PRO A 27 7.41 -19.14 -7.15
C PRO A 27 7.61 -19.39 -5.66
N ASP A 28 8.38 -18.55 -4.97
CA ASP A 28 8.53 -18.72 -3.54
C ASP A 28 7.61 -17.79 -2.75
N ALA A 29 6.66 -17.12 -3.43
CA ALA A 29 5.68 -16.32 -2.70
C ALA A 29 4.70 -17.25 -1.99
N LEU A 30 3.79 -16.65 -1.23
CA LEU A 30 2.80 -17.42 -0.50
C LEU A 30 1.88 -18.17 -1.46
N PRO A 31 1.37 -19.32 -1.07
CA PRO A 31 0.48 -20.06 -1.96
C PRO A 31 -0.83 -19.32 -2.14
N GLY A 32 -1.50 -19.61 -3.25
CA GLY A 32 -2.68 -18.87 -3.59
C GLY A 32 -2.42 -17.51 -4.22
N THR A 33 -1.14 -17.18 -4.57
CA THR A 33 -0.84 -15.96 -5.31
C THR A 33 -0.77 -16.27 -6.79
N PRO A 34 -0.92 -15.25 -7.65
CA PRO A 34 -0.97 -15.51 -9.10
C PRO A 34 0.25 -16.29 -9.56
N GLY A 35 0.00 -17.32 -10.36
CA GLY A 35 1.06 -18.20 -10.82
C GLY A 35 1.45 -19.29 -9.84
N ASN A 36 0.91 -19.29 -8.62
CA ASN A 36 1.28 -20.28 -7.62
C ASN A 36 0.08 -21.05 -7.09
N LEU A 37 -0.90 -21.31 -7.94
CA LEU A 37 -2.18 -21.81 -7.48
C LEU A 37 -2.24 -23.34 -7.43
N ASP A 38 -2.74 -23.86 -6.33
CA ASP A 38 -3.02 -25.27 -6.17
C ASP A 38 -4.28 -25.56 -6.93
N SER A 39 -4.52 -26.82 -7.20
CA SER A 39 -5.77 -27.21 -7.80
C SER A 39 -6.76 -27.05 -6.64
N ALA A 40 -7.88 -26.46 -7.01
CA ALA A 40 -9.08 -26.02 -6.24
C ALA A 40 -8.66 -24.77 -5.52
N GLN A 41 -7.77 -23.99 -6.14
CA GLN A 41 -7.50 -22.66 -5.65
C GLN A 41 -7.66 -22.03 -7.04
N GLU A 42 -7.66 -22.88 -8.06
CA GLU A 42 -7.88 -22.47 -9.42
C GLU A 42 -9.38 -22.66 -9.57
N LYS A 43 -9.92 -23.72 -8.99
CA LYS A 43 -11.36 -23.92 -9.08
C LYS A 43 -12.12 -22.87 -8.29
N ALA A 44 -11.61 -22.49 -7.12
CA ALA A 44 -12.28 -21.44 -6.35
C ALA A 44 -12.24 -20.11 -7.09
N LEU A 45 -11.14 -19.81 -7.78
CA LEU A 45 -11.06 -18.58 -8.56
C LEU A 45 -12.12 -18.57 -9.66
N ALA A 46 -12.28 -19.69 -10.37
CA ALA A 46 -13.23 -19.73 -11.48
C ALA A 46 -14.66 -19.52 -11.01
N GLU A 47 -15.06 -20.16 -9.90
CA GLU A 47 -16.44 -20.04 -9.48
C GLU A 47 -16.73 -18.69 -8.84
N LEU A 48 -15.73 -18.08 -8.20
CA LEU A 48 -15.90 -16.71 -7.71
C LEU A 48 -16.18 -15.77 -8.88
N ARG A 49 -15.45 -15.93 -9.98
CA ARG A 49 -15.64 -15.07 -11.14
C ARG A 49 -17.05 -15.20 -11.71
N LYS A 50 -17.50 -16.44 -11.96
CA LYS A 50 -18.83 -16.61 -12.57
C LYS A 50 -19.93 -16.08 -11.67
N LEU A 51 -19.78 -16.20 -10.35
CA LEU A 51 -20.77 -15.62 -9.44
C LEU A 51 -20.78 -14.10 -9.54
N LEU A 52 -19.60 -13.49 -9.70
CA LEU A 52 -19.56 -12.04 -9.85
C LEU A 52 -20.07 -11.62 -11.23
N GLU A 53 -19.82 -12.43 -12.26
CA GLU A 53 -20.39 -12.17 -13.57
C GLU A 53 -21.91 -12.31 -13.54
N ASP A 54 -22.41 -13.41 -12.97
CA ASP A 54 -23.85 -13.62 -12.90
C ASP A 54 -24.55 -12.48 -12.17
N ALA A 55 -23.85 -11.79 -11.27
CA ALA A 55 -24.40 -10.63 -10.60
C ALA A 55 -24.22 -9.34 -11.40
N GLY A 56 -23.63 -9.41 -12.59
CA GLY A 56 -23.52 -8.24 -13.45
C GLY A 56 -22.26 -7.40 -13.29
N PHE A 57 -21.31 -7.81 -12.45
CA PHE A 57 -20.04 -7.10 -12.37
C PHE A 57 -19.22 -7.34 -13.62
N ILE A 58 -18.54 -6.29 -14.08
CA ILE A 58 -17.72 -6.34 -15.29
C ILE A 58 -16.32 -5.78 -15.08
N GLU A 59 -16.06 -5.11 -13.97
CA GLU A 59 -14.76 -4.52 -13.72
C GLU A 59 -14.04 -5.27 -12.61
N ARG A 60 -12.69 -5.23 -12.66
CA ARG A 60 -11.85 -5.73 -11.58
C ARG A 60 -12.11 -7.21 -11.31
N LEU A 61 -12.32 -7.98 -12.38
CA LEU A 61 -12.46 -9.43 -12.29
C LEU A 61 -11.21 -10.16 -12.75
N ASP A 62 -10.06 -9.51 -12.70
CA ASP A 62 -8.80 -10.14 -13.08
C ASP A 62 -8.31 -11.09 -11.99
N ASP A 63 -7.37 -11.95 -12.37
CA ASP A 63 -6.84 -12.96 -11.45
C ASP A 63 -6.28 -12.32 -10.17
N SER A 64 -5.37 -11.35 -10.33
CA SER A 64 -4.75 -10.70 -9.19
C SER A 64 -5.80 -10.19 -8.21
N THR A 65 -6.79 -9.46 -8.71
CA THR A 65 -7.79 -8.86 -7.83
C THR A 65 -8.61 -9.91 -7.10
N LEU A 66 -9.14 -10.89 -7.83
CA LEU A 66 -10.01 -11.85 -7.16
C LEU A 66 -9.24 -12.75 -6.20
N LEU A 67 -7.97 -13.06 -6.52
CA LEU A 67 -7.17 -13.86 -5.60
C LEU A 67 -6.86 -13.12 -4.31
N ARG A 68 -6.77 -11.79 -4.36
CA ARG A 68 -6.57 -11.04 -3.11
C ARG A 68 -7.81 -11.16 -2.23
N PHE A 69 -9.00 -11.01 -2.80
CA PHE A 69 -10.22 -11.18 -2.01
C PHE A 69 -10.36 -12.62 -1.51
N LEU A 70 -9.98 -13.60 -2.33
CA LEU A 70 -10.05 -14.99 -1.88
C LEU A 70 -9.07 -15.25 -0.74
N ARG A 71 -7.82 -14.79 -0.88
CA ARG A 71 -6.85 -14.98 0.20
C ARG A 71 -7.31 -14.33 1.49
N ALA A 72 -7.95 -13.16 1.39
CA ALA A 72 -8.40 -12.46 2.58
C ALA A 72 -9.55 -13.18 3.29
N ARG A 73 -10.20 -14.10 2.60
CA ARG A 73 -11.26 -14.91 3.19
C ARG A 73 -10.89 -16.39 3.19
N LYS A 74 -9.60 -16.72 3.14
CA LYS A 74 -9.13 -18.09 3.23
C LYS A 74 -9.73 -18.96 2.14
N PHE A 75 -10.03 -18.38 0.98
CA PHE A 75 -10.62 -19.07 -0.16
C PHE A 75 -12.02 -19.60 0.14
N ASP A 76 -12.71 -19.02 1.11
CA ASP A 76 -14.16 -19.21 1.24
C ASP A 76 -14.84 -18.38 0.16
N VAL A 77 -15.36 -19.04 -0.88
CA VAL A 77 -15.81 -18.33 -2.07
C VAL A 77 -16.94 -17.37 -1.72
N GLN A 78 -17.92 -17.83 -0.92
CA GLN A 78 -19.08 -17.00 -0.65
C GLN A 78 -18.71 -15.76 0.16
N LEU A 79 -17.84 -15.93 1.16
CA LEU A 79 -17.39 -14.77 1.93
C LEU A 79 -16.57 -13.82 1.08
N ALA A 80 -15.73 -14.35 0.19
CA ALA A 80 -14.95 -13.49 -0.69
C ALA A 80 -15.86 -12.71 -1.63
N LYS A 81 -16.90 -13.37 -2.15
CA LYS A 81 -17.89 -12.68 -2.98
C LYS A 81 -18.56 -11.55 -2.20
N GLU A 82 -18.96 -11.82 -0.96
CA GLU A 82 -19.61 -10.78 -0.16
C GLU A 82 -18.65 -9.64 0.12
N MET A 83 -17.37 -9.95 0.34
CA MET A 83 -16.39 -8.88 0.54
C MET A 83 -16.22 -8.04 -0.72
N PHE A 84 -16.15 -8.69 -1.88
CA PHE A 84 -16.03 -7.98 -3.14
C PHE A 84 -17.23 -7.06 -3.38
N GLU A 85 -18.45 -7.59 -3.20
CA GLU A 85 -19.64 -6.79 -3.43
C GLU A 85 -19.70 -5.59 -2.48
N ASN A 86 -19.36 -5.82 -1.21
CA ASN A 86 -19.26 -4.72 -0.26
C ASN A 86 -18.28 -3.65 -0.75
N CYS A 87 -17.17 -4.06 -1.34
CA CYS A 87 -16.16 -3.11 -1.80
C CYS A 87 -16.68 -2.28 -2.97
N GLU A 88 -17.28 -2.93 -3.98
CA GLU A 88 -17.86 -2.20 -5.11
C GLU A 88 -18.93 -1.22 -4.67
N LYS A 89 -19.68 -1.55 -3.60
CA LYS A 89 -20.71 -0.63 -3.13
C LYS A 89 -20.08 0.59 -2.48
N TRP A 90 -18.97 0.40 -1.76
CA TRP A 90 -18.25 1.54 -1.22
C TRP A 90 -17.64 2.37 -2.34
N ARG A 91 -17.03 1.72 -3.34
CA ARG A 91 -16.46 2.46 -4.47
C ARG A 91 -17.51 3.33 -5.14
N LYS A 92 -18.76 2.86 -5.21
CA LYS A 92 -19.83 3.65 -5.82
C LYS A 92 -20.30 4.78 -4.89
N ASP A 93 -20.43 4.52 -3.59
CA ASP A 93 -20.88 5.57 -2.68
C ASP A 93 -19.81 6.62 -2.46
N TYR A 94 -18.55 6.22 -2.45
CA TYR A 94 -17.44 7.11 -2.19
C TYR A 94 -16.91 7.81 -3.44
N GLY A 95 -17.32 7.35 -4.62
CA GLY A 95 -16.82 7.93 -5.86
C GLY A 95 -15.42 7.53 -6.23
N THR A 96 -14.98 6.35 -5.77
CA THR A 96 -13.57 5.98 -5.90
C THR A 96 -13.16 5.83 -7.35
N ASP A 97 -14.05 5.30 -8.19
CA ASP A 97 -13.73 5.07 -9.60
C ASP A 97 -13.33 6.34 -10.34
N THR A 98 -13.63 7.51 -9.78
CA THR A 98 -13.30 8.77 -10.42
C THR A 98 -12.53 9.71 -9.49
N ILE A 99 -11.95 9.19 -8.40
CA ILE A 99 -11.31 10.09 -7.45
C ILE A 99 -10.11 10.80 -8.08
N LEU A 100 -9.37 10.10 -8.96
CA LEU A 100 -8.15 10.69 -9.51
C LEU A 100 -8.44 11.95 -10.32
N GLN A 101 -9.64 12.05 -10.92
CA GLN A 101 -10.05 13.25 -11.65
C GLN A 101 -10.78 14.26 -10.77
N ASP A 102 -11.44 13.82 -9.71
CA ASP A 102 -12.36 14.68 -8.98
C ASP A 102 -11.74 15.40 -7.79
N PHE A 103 -10.73 14.80 -7.16
CA PHE A 103 -10.18 15.32 -5.91
C PHE A 103 -8.83 15.94 -6.16
N HIS A 104 -8.59 17.11 -5.57
CA HIS A 104 -7.36 17.87 -5.75
C HIS A 104 -6.86 18.36 -4.40
N TYR A 105 -5.76 17.75 -3.94
CA TYR A 105 -5.24 18.01 -2.61
C TYR A 105 -4.28 19.20 -2.76
N ASP A 106 -4.89 20.37 -2.99
CA ASP A 106 -4.10 21.56 -3.25
C ASP A 106 -3.43 22.02 -1.97
N GLU A 107 -3.96 21.63 -0.81
CA GLU A 107 -3.39 21.99 0.47
C GLU A 107 -2.06 21.30 0.76
N LYS A 108 -1.71 20.25 0.02
CA LYS A 108 -0.58 19.39 0.41
C LYS A 108 0.71 20.15 0.68
N PRO A 109 1.15 21.12 -0.12
CA PRO A 109 2.39 21.84 0.21
C PRO A 109 2.29 22.56 1.54
N LEU A 110 1.09 22.95 1.97
CA LEU A 110 0.95 23.69 3.23
C LEU A 110 1.05 22.80 4.45
N ILE A 111 0.61 21.55 4.35
CA ILE A 111 0.38 20.72 5.53
C ILE A 111 1.19 19.43 5.53
N ALA A 112 1.98 19.16 4.48
CA ALA A 112 2.69 17.89 4.43
C ALA A 112 3.60 17.73 5.64
N LYS A 113 4.25 18.82 6.09
CA LYS A 113 5.17 18.70 7.20
C LYS A 113 4.48 18.34 8.51
N PHE A 114 3.17 18.57 8.64
CA PHE A 114 2.42 18.22 9.84
C PHE A 114 1.95 16.77 9.88
N TYR A 115 2.17 16.01 8.80
CA TYR A 115 1.92 14.57 8.79
C TYR A 115 2.58 13.96 7.57
N PRO A 116 3.89 13.78 7.58
CA PRO A 116 4.60 13.41 6.34
C PRO A 116 4.20 12.02 5.86
N GLN A 117 3.82 11.93 4.59
CA GLN A 117 3.42 10.70 3.91
C GLN A 117 3.93 10.76 2.49
N TYR A 118 4.71 9.77 2.06
CA TYR A 118 5.31 9.84 0.73
C TYR A 118 5.79 8.46 0.31
N TYR A 119 5.69 8.19 -0.99
CA TYR A 119 6.25 7.00 -1.60
C TYR A 119 7.64 7.32 -2.15
N HIS A 120 8.56 6.37 -2.02
CA HIS A 120 9.92 6.60 -2.50
C HIS A 120 10.56 5.28 -2.91
N LYS A 121 10.69 5.07 -4.22
CA LYS A 121 11.44 3.94 -4.77
C LYS A 121 10.91 2.59 -4.25
N THR A 122 11.77 1.57 -4.21
CA THR A 122 11.30 0.19 -4.08
C THR A 122 12.20 -0.62 -3.14
N ASP A 123 11.63 -1.71 -2.58
CA ASP A 123 12.40 -2.63 -1.76
C ASP A 123 12.97 -3.74 -2.64
N LYS A 124 13.71 -4.68 -2.01
CA LYS A 124 14.46 -5.66 -2.78
C LYS A 124 13.56 -6.65 -3.50
N ASP A 125 12.30 -6.78 -3.08
CA ASP A 125 11.31 -7.58 -3.76
C ASP A 125 10.56 -6.77 -4.83
N GLY A 126 10.92 -5.50 -5.02
CA GLY A 126 10.28 -4.66 -6.01
C GLY A 126 9.10 -3.86 -5.51
N ARG A 127 8.72 -3.99 -4.24
CA ARG A 127 7.56 -3.29 -3.71
C ARG A 127 7.83 -1.79 -3.66
N PRO A 128 6.86 -0.95 -4.02
CA PRO A 128 6.98 0.48 -3.73
C PRO A 128 7.05 0.69 -2.21
N VAL A 129 7.90 1.60 -1.79
CA VAL A 129 8.10 1.85 -0.36
C VAL A 129 7.29 3.08 0.03
N TYR A 130 6.46 2.93 1.05
CA TYR A 130 5.60 4.00 1.56
C TYR A 130 6.11 4.42 2.93
N PHE A 131 6.35 5.72 3.10
CA PHE A 131 6.87 6.28 4.35
C PHE A 131 5.79 7.10 5.04
N GLU A 132 5.69 6.93 6.35
CA GLU A 132 4.73 7.70 7.15
C GLU A 132 5.40 8.08 8.46
N GLU A 133 5.70 9.37 8.63
CA GLU A 133 6.31 9.89 9.85
C GLU A 133 5.21 10.26 10.85
N LEU A 134 4.53 9.21 11.33
CA LEU A 134 3.40 9.40 12.25
C LEU A 134 3.82 10.12 13.52
N GLY A 135 5.06 9.90 13.99
CA GLY A 135 5.52 10.51 15.23
C GLY A 135 5.59 12.03 15.19
N ALA A 136 5.70 12.62 14.00
CA ALA A 136 5.71 14.07 13.85
C ALA A 136 4.32 14.66 13.69
N VAL A 137 3.26 13.86 13.83
CA VAL A 137 1.94 14.33 13.46
C VAL A 137 1.58 15.55 14.32
N ASN A 138 0.96 16.55 13.69
CA ASN A 138 0.50 17.75 14.40
C ASN A 138 -0.88 18.11 13.83
N LEU A 139 -1.93 17.45 14.33
CA LEU A 139 -3.25 17.70 13.77
C LEU A 139 -3.78 19.09 14.13
N HIS A 140 -3.32 19.68 15.25
CA HIS A 140 -3.78 21.03 15.59
C HIS A 140 -3.43 22.03 14.48
N GLU A 141 -2.23 21.91 13.90
CA GLU A 141 -1.86 22.77 12.79
C GLU A 141 -2.51 22.31 11.49
N MET A 142 -2.60 21.00 11.29
CA MET A 142 -3.23 20.49 10.08
C MET A 142 -4.69 20.94 9.98
N ASN A 143 -5.44 20.85 11.07
CA ASN A 143 -6.86 21.18 11.03
C ASN A 143 -7.11 22.68 10.85
N LYS A 144 -6.07 23.52 10.86
CA LYS A 144 -6.24 24.91 10.45
C LYS A 144 -6.51 25.02 8.95
N VAL A 145 -6.07 24.02 8.18
CA VAL A 145 -6.10 24.07 6.72
C VAL A 145 -6.93 22.99 6.05
N THR A 146 -7.03 21.80 6.65
CA THR A 146 -7.74 20.68 6.05
C THR A 146 -8.49 19.94 7.15
N SER A 147 -9.18 18.89 6.72
CA SER A 147 -10.07 18.11 7.55
C SER A 147 -9.65 16.65 7.46
N GLU A 148 -10.07 15.88 8.46
CA GLU A 148 -9.88 14.44 8.42
C GLU A 148 -10.52 13.84 7.18
N GLU A 149 -11.69 14.36 6.79
CA GLU A 149 -12.36 13.83 5.60
C GLU A 149 -11.48 13.99 4.37
N ARG A 150 -10.81 15.13 4.24
CA ARG A 150 -9.97 15.36 3.07
C ARG A 150 -8.65 14.59 3.17
N MET A 151 -8.16 14.35 4.38
CA MET A 151 -6.98 13.49 4.52
C MET A 151 -7.26 12.09 4.05
N LEU A 152 -8.48 11.59 4.31
CA LEU A 152 -8.83 10.25 3.87
C LEU A 152 -9.06 10.19 2.35
N LYS A 153 -9.72 11.20 1.77
CA LYS A 153 -9.82 11.27 0.31
C LYS A 153 -8.42 11.22 -0.31
N ASN A 154 -7.47 11.97 0.26
CA ASN A 154 -6.12 11.93 -0.25
C ASN A 154 -5.50 10.55 -0.11
N LEU A 155 -5.81 9.84 0.98
CA LEU A 155 -5.28 8.50 1.15
C LEU A 155 -5.78 7.60 0.03
N VAL A 156 -7.10 7.60 -0.20
CA VAL A 156 -7.69 6.77 -1.25
C VAL A 156 -7.17 7.20 -2.62
N TRP A 157 -7.01 8.51 -2.83
CA TRP A 157 -6.40 9.01 -4.06
C TRP A 157 -5.04 8.35 -4.31
N GLU A 158 -4.22 8.29 -3.26
CA GLU A 158 -2.91 7.67 -3.40
C GLU A 158 -3.03 6.17 -3.64
N TYR A 159 -3.96 5.53 -2.95
CA TYR A 159 -4.18 4.09 -3.16
C TYR A 159 -4.55 3.82 -4.61
N GLU A 160 -5.47 4.61 -5.16
CA GLU A 160 -5.84 4.41 -6.55
C GLU A 160 -4.64 4.62 -7.47
N SER A 161 -3.76 5.55 -7.10
CA SER A 161 -2.56 5.78 -7.88
C SER A 161 -1.55 4.64 -7.74
N VAL A 162 -1.48 4.01 -6.56
CA VAL A 162 -0.67 2.81 -6.41
C VAL A 162 -1.16 1.71 -7.34
N VAL A 163 -2.48 1.48 -7.34
CA VAL A 163 -3.05 0.35 -8.08
C VAL A 163 -2.96 0.60 -9.58
N GLN A 164 -3.32 1.81 -10.01
CA GLN A 164 -3.37 2.10 -11.44
C GLN A 164 -1.97 2.35 -12.04
N TYR A 165 -1.05 2.93 -11.27
CA TYR A 165 0.22 3.39 -11.85
C TYR A 165 1.46 2.82 -11.20
N ARG A 166 1.57 2.83 -9.87
CA ARG A 166 2.82 2.44 -9.23
C ARG A 166 3.05 0.93 -9.31
N LEU A 167 2.03 0.14 -8.98
CA LEU A 167 2.25 -1.31 -9.02
C LEU A 167 2.51 -1.81 -10.43
N PRO A 168 1.81 -1.35 -11.47
CA PRO A 168 2.19 -1.84 -12.81
C PRO A 168 3.61 -1.50 -13.16
N ALA A 169 4.08 -0.28 -12.85
CA ALA A 169 5.47 0.05 -13.16
C ALA A 169 6.44 -0.77 -12.30
N CYS A 170 6.13 -0.95 -11.01
CA CYS A 170 7.02 -1.76 -10.15
C CYS A 170 7.12 -3.19 -10.64
N SER A 171 6.01 -3.73 -11.15
CA SER A 171 6.02 -5.09 -11.67
C SER A 171 6.97 -5.19 -12.86
N ARG A 172 6.89 -4.23 -13.79
CA ARG A 172 7.81 -4.24 -14.94
C ARG A 172 9.26 -4.11 -14.48
N ALA A 173 9.53 -3.16 -13.57
CA ALA A 173 10.91 -2.99 -13.11
C ALA A 173 11.43 -4.24 -12.37
N ALA A 174 10.55 -4.99 -11.74
CA ALA A 174 10.98 -6.15 -10.95
C ALA A 174 11.04 -7.44 -11.75
N GLY A 175 10.44 -7.50 -12.92
CA GLY A 175 10.43 -8.76 -13.65
C GLY A 175 9.37 -9.75 -13.19
N HIS A 176 8.50 -9.36 -12.27
CA HIS A 176 7.48 -10.25 -11.74
C HIS A 176 6.35 -9.39 -11.19
N LEU A 177 5.19 -10.01 -10.99
CA LEU A 177 4.06 -9.28 -10.43
C LEU A 177 4.37 -8.73 -9.05
N VAL A 178 4.05 -7.46 -8.83
CA VAL A 178 4.15 -6.81 -7.52
C VAL A 178 2.75 -6.30 -7.16
N GLU A 179 2.19 -6.85 -6.08
CA GLU A 179 0.83 -6.53 -5.64
C GLU A 179 0.79 -5.74 -4.34
N THR A 180 1.94 -5.51 -3.70
CA THR A 180 1.97 -5.05 -2.32
C THR A 180 3.02 -3.96 -2.15
N SER A 181 2.91 -3.25 -1.02
CA SER A 181 3.87 -2.19 -0.69
C SER A 181 4.66 -2.57 0.54
N CYS A 182 5.76 -1.86 0.73
CA CYS A 182 6.57 -1.93 1.94
C CYS A 182 6.36 -0.63 2.71
N THR A 183 5.72 -0.70 3.89
CA THR A 183 5.46 0.50 4.66
C THR A 183 6.49 0.69 5.77
N ILE A 184 7.02 1.91 5.88
CA ILE A 184 7.88 2.31 6.99
C ILE A 184 7.18 3.42 7.76
N MET A 185 6.80 3.14 9.01
CA MET A 185 6.12 4.09 9.87
C MET A 185 7.08 4.49 10.99
N ASP A 186 7.47 5.76 11.00
CA ASP A 186 8.44 6.29 11.96
C ASP A 186 7.69 6.89 13.14
N LEU A 187 7.89 6.31 14.32
CA LEU A 187 7.20 6.79 15.51
C LEU A 187 8.01 7.84 16.27
N LYS A 188 9.14 8.29 15.74
CA LYS A 188 9.93 9.25 16.49
C LYS A 188 9.09 10.50 16.78
N GLY A 189 8.88 10.80 18.05
CA GLY A 189 8.11 11.96 18.44
C GLY A 189 6.70 11.70 18.97
N ILE A 190 6.14 10.49 18.88
CA ILE A 190 4.78 10.36 19.41
C ILE A 190 4.80 10.50 20.92
N SER A 191 3.68 10.95 21.45
CA SER A 191 3.35 10.93 22.86
C SER A 191 2.02 10.21 23.01
N ILE A 192 1.62 9.94 24.25
CA ILE A 192 0.28 9.42 24.47
C ILE A 192 -0.76 10.38 23.91
N SER A 193 -0.54 11.69 24.09
CA SER A 193 -1.49 12.69 23.64
C SER A 193 -1.61 12.68 22.11
N SER A 194 -0.49 12.78 21.39
CA SER A 194 -0.59 12.80 19.94
C SER A 194 -1.06 11.45 19.39
N ALA A 195 -0.80 10.35 20.10
CA ALA A 195 -1.32 9.06 19.65
C ALA A 195 -2.84 9.05 19.69
N TYR A 196 -3.44 9.54 20.78
CA TYR A 196 -4.90 9.67 20.80
C TYR A 196 -5.41 10.64 19.74
N SER A 197 -4.66 11.70 19.43
CA SER A 197 -5.17 12.66 18.44
C SER A 197 -5.24 12.06 17.05
N VAL A 198 -4.34 11.12 16.72
CA VAL A 198 -4.30 10.54 15.38
C VAL A 198 -5.10 9.24 15.28
N MET A 199 -5.72 8.80 16.38
CA MET A 199 -6.28 7.45 16.44
C MET A 199 -7.44 7.28 15.48
N SER A 200 -8.29 8.31 15.35
CA SER A 200 -9.45 8.19 14.48
C SER A 200 -9.02 8.05 13.03
N TYR A 201 -8.09 8.89 12.57
CA TYR A 201 -7.60 8.76 11.20
C TYR A 201 -7.01 7.38 10.96
N VAL A 202 -6.16 6.89 11.89
CA VAL A 202 -5.53 5.58 11.74
C VAL A 202 -6.58 4.48 11.66
N ARG A 203 -7.61 4.57 12.50
CA ARG A 203 -8.70 3.59 12.48
C ARG A 203 -9.41 3.57 11.12
N GLU A 204 -9.79 4.74 10.61
CA GLU A 204 -10.48 4.79 9.32
C GLU A 204 -9.59 4.29 8.20
N ALA A 205 -8.33 4.73 8.20
CA ALA A 205 -7.35 4.30 7.20
C ALA A 205 -7.20 2.78 7.21
N SER A 206 -7.01 2.22 8.39
CA SER A 206 -6.88 0.77 8.51
C SER A 206 -8.15 0.06 8.05
N TYR A 207 -9.32 0.61 8.39
CA TYR A 207 -10.58 0.04 7.92
C TYR A 207 -10.66 0.03 6.40
N ILE A 208 -10.31 1.15 5.77
CA ILE A 208 -10.33 1.23 4.31
C ILE A 208 -9.35 0.22 3.71
N SER A 209 -8.13 0.18 4.24
CA SER A 209 -7.10 -0.73 3.73
C SER A 209 -7.59 -2.17 3.76
N GLN A 210 -8.06 -2.64 4.93
CA GLN A 210 -8.41 -4.05 5.09
C GLN A 210 -9.64 -4.44 4.26
N ASN A 211 -10.63 -3.56 4.17
CA ASN A 211 -11.86 -4.01 3.54
C ASN A 211 -11.91 -3.70 2.05
N TYR A 212 -11.27 -2.61 1.63
CA TYR A 212 -11.39 -2.19 0.25
C TYR A 212 -10.11 -2.41 -0.55
N TYR A 213 -8.99 -2.71 0.12
CA TYR A 213 -7.72 -2.95 -0.56
C TYR A 213 -7.04 -4.23 -0.08
N PRO A 214 -7.82 -5.25 0.30
CA PRO A 214 -7.22 -6.45 0.91
C PRO A 214 -5.93 -7.00 0.29
N GLU A 215 -5.03 -7.48 1.15
CA GLU A 215 -3.80 -8.16 0.73
C GLU A 215 -2.84 -7.24 -0.02
N ARG A 216 -2.90 -5.93 0.22
CA ARG A 216 -1.96 -4.99 -0.38
C ARG A 216 -0.77 -4.73 0.52
N MET A 217 -0.82 -5.18 1.77
CA MET A 217 0.29 -4.97 2.71
C MET A 217 1.29 -6.10 2.53
N GLY A 218 2.52 -5.75 2.12
CA GLY A 218 3.54 -6.76 1.94
C GLY A 218 4.51 -6.82 3.10
N LYS A 219 5.00 -5.65 3.50
CA LYS A 219 5.80 -5.51 4.71
C LYS A 219 5.33 -4.27 5.44
N PHE A 220 5.52 -4.26 6.75
CA PHE A 220 5.15 -3.13 7.59
C PHE A 220 6.21 -3.02 8.68
N TYR A 221 7.00 -1.96 8.63
CA TYR A 221 8.07 -1.71 9.60
C TYR A 221 7.67 -0.50 10.43
N ILE A 222 7.60 -0.68 11.73
CA ILE A 222 7.53 0.43 12.64
C ILE A 222 8.93 0.67 13.19
N ILE A 223 9.38 1.92 13.16
CA ILE A 223 10.73 2.23 13.64
C ILE A 223 10.65 3.33 14.69
N ASN A 224 11.72 3.44 15.47
CA ASN A 224 11.79 4.41 16.56
C ASN A 224 10.64 4.21 17.55
N ALA A 225 10.23 2.95 17.72
CA ALA A 225 9.10 2.64 18.60
C ALA A 225 9.46 2.92 20.06
N PRO A 226 8.52 3.42 20.87
CA PRO A 226 8.78 3.54 22.30
C PRO A 226 9.05 2.18 22.93
N PHE A 227 9.73 2.24 24.08
CA PHE A 227 10.25 1.05 24.73
C PHE A 227 9.15 0.06 25.08
N GLY A 228 8.08 0.54 25.72
CA GLY A 228 7.01 -0.37 26.11
C GLY A 228 6.32 -1.00 24.91
N PHE A 229 6.16 -0.23 23.84
CA PHE A 229 5.54 -0.73 22.62
C PHE A 229 6.42 -1.79 21.96
N SER A 230 7.72 -1.50 21.83
CA SER A 230 8.63 -2.48 21.24
C SER A 230 8.78 -3.72 22.13
N THR A 231 8.80 -3.53 23.45
CA THR A 231 9.00 -4.68 24.32
C THR A 231 7.81 -5.63 24.25
N ALA A 232 6.60 -5.08 24.17
CA ALA A 232 5.41 -5.92 24.06
C ALA A 232 5.50 -6.82 22.83
N PHE A 233 5.97 -6.26 21.71
CA PHE A 233 6.09 -7.06 20.50
C PHE A 233 7.16 -8.12 20.67
N ARG A 234 8.32 -7.76 21.23
CA ARG A 234 9.35 -8.74 21.50
C ARG A 234 8.78 -9.97 22.20
N LEU A 235 7.96 -9.75 23.22
CA LEU A 235 7.55 -10.86 24.08
C LEU A 235 6.50 -11.75 23.44
N PHE A 236 5.69 -11.23 22.52
CA PHE A 236 4.59 -12.00 21.97
C PHE A 236 4.84 -12.48 20.54
N LYS A 237 5.97 -12.11 19.95
CA LYS A 237 6.37 -12.66 18.65
C LYS A 237 6.26 -14.18 18.55
N PRO A 238 6.72 -14.96 19.53
CA PRO A 238 6.62 -16.43 19.37
C PRO A 238 5.21 -16.93 19.12
N PHE A 239 4.19 -16.11 19.39
CA PHE A 239 2.81 -16.55 19.30
C PHE A 239 2.08 -16.04 18.06
N LEU A 240 2.77 -15.30 17.18
CA LEU A 240 2.18 -14.90 15.91
C LEU A 240 2.41 -15.99 14.87
N ASP A 241 1.44 -16.16 13.97
CA ASP A 241 1.62 -17.13 12.90
C ASP A 241 2.84 -16.72 12.06
N PRO A 242 3.61 -17.69 11.56
CA PRO A 242 4.87 -17.35 10.87
C PRO A 242 4.71 -16.47 9.63
N VAL A 243 3.51 -16.40 9.04
CA VAL A 243 3.29 -15.47 7.94
C VAL A 243 3.31 -14.03 8.44
N THR A 244 2.68 -13.79 9.58
CA THR A 244 2.65 -12.45 10.14
C THR A 244 4.04 -12.02 10.59
N VAL A 245 4.82 -12.94 11.18
CA VAL A 245 6.11 -12.57 11.74
C VAL A 245 7.14 -12.25 10.65
N SER A 246 6.94 -12.76 9.44
CA SER A 246 7.79 -12.38 8.32
C SER A 246 7.36 -11.08 7.66
N LYS A 247 6.24 -10.47 8.09
CA LYS A 247 5.74 -9.26 7.45
C LYS A 247 5.78 -8.01 8.31
N ILE A 248 5.62 -8.15 9.64
CA ILE A 248 5.56 -7.04 10.59
C ILE A 248 6.86 -7.00 11.39
N PHE A 249 7.43 -5.82 11.51
CA PHE A 249 8.64 -5.61 12.30
C PHE A 249 8.42 -4.39 13.16
N ILE A 250 8.73 -4.48 14.45
CA ILE A 250 8.59 -3.36 15.37
C ILE A 250 9.98 -3.08 15.91
N LEU A 251 10.61 -2.00 15.45
CA LEU A 251 11.99 -1.70 15.75
C LEU A 251 12.09 -0.44 16.60
N GLY A 252 13.12 -0.40 17.44
CA GLY A 252 13.47 0.79 18.19
C GLY A 252 14.39 1.74 17.43
N SER A 253 15.32 2.35 18.14
CA SER A 253 16.25 3.29 17.57
C SER A 253 17.21 2.73 16.55
N SER A 254 17.67 1.52 16.73
CA SER A 254 18.58 0.92 15.79
C SER A 254 17.90 0.15 14.70
N TYR A 255 17.25 0.81 13.78
CA TYR A 255 16.54 0.10 12.75
C TYR A 255 17.23 0.06 11.41
N GLN A 256 18.32 0.78 11.27
CA GLN A 256 18.87 1.02 9.94
C GLN A 256 19.35 -0.28 9.30
N LYS A 257 20.06 -1.11 10.06
CA LYS A 257 20.54 -2.37 9.50
C LYS A 257 19.39 -3.26 9.08
N GLU A 258 18.31 -3.27 9.85
CA GLU A 258 17.16 -4.10 9.47
C GLU A 258 16.52 -3.58 8.17
N LEU A 259 16.36 -2.25 8.05
CA LEU A 259 15.83 -1.65 6.83
C LEU A 259 16.71 -1.99 5.63
N LEU A 260 18.04 -1.96 5.80
CA LEU A 260 18.96 -2.22 4.70
C LEU A 260 18.95 -3.69 4.27
N LYS A 261 18.51 -4.61 5.13
CA LYS A 261 18.30 -5.98 4.63
C LYS A 261 17.16 -6.04 3.63
N GLN A 262 16.18 -5.13 3.72
CA GLN A 262 14.97 -5.21 2.90
C GLN A 262 14.95 -4.22 1.74
N ILE A 263 15.67 -3.10 1.84
CA ILE A 263 15.65 -2.03 0.85
C ILE A 263 17.09 -1.75 0.42
N PRO A 264 17.40 -1.73 -0.88
CA PRO A 264 18.76 -1.37 -1.32
C PRO A 264 19.15 0.00 -0.78
N ALA A 265 20.42 0.14 -0.41
CA ALA A 265 20.87 1.39 0.21
C ALA A 265 20.65 2.58 -0.73
N GLU A 266 20.80 2.37 -2.03
CA GLU A 266 20.62 3.50 -2.95
C GLU A 266 19.16 3.88 -3.13
N ASN A 267 18.23 3.08 -2.58
CA ASN A 267 16.80 3.38 -2.64
C ASN A 267 16.27 3.95 -1.33
N LEU A 268 16.95 3.74 -0.18
CA LEU A 268 16.50 4.18 1.14
C LEU A 268 16.97 5.62 1.39
N PRO A 269 16.08 6.54 1.78
CA PRO A 269 16.52 7.93 2.05
C PRO A 269 17.63 7.98 3.07
N VAL A 270 18.50 8.99 2.93
CA VAL A 270 19.66 9.08 3.81
C VAL A 270 19.22 9.18 5.28
N LYS A 271 18.11 9.89 5.55
CA LYS A 271 17.71 10.12 6.93
C LYS A 271 17.35 8.83 7.64
N PHE A 272 17.08 7.76 6.89
CA PHE A 272 16.74 6.48 7.48
C PHE A 272 17.87 5.48 7.37
N GLY A 273 19.07 5.92 7.01
CA GLY A 273 20.26 5.10 6.98
C GLY A 273 20.72 4.69 5.60
N GLY A 274 20.11 5.21 4.54
CA GLY A 274 20.45 4.84 3.19
C GLY A 274 21.29 5.91 2.49
N LYS A 275 21.26 5.88 1.16
CA LYS A 275 22.00 6.84 0.35
C LYS A 275 21.13 7.60 -0.64
N SER A 276 19.81 7.43 -0.62
CA SER A 276 18.98 8.07 -1.62
C SER A 276 18.73 9.52 -1.23
N GLU A 277 18.89 10.43 -2.16
CA GLU A 277 18.81 11.85 -1.89
C GLU A 277 17.77 12.50 -2.79
N VAL A 278 17.09 13.51 -2.26
CA VAL A 278 16.19 14.32 -3.06
C VAL A 278 16.62 15.77 -2.94
N ASP A 279 16.14 16.58 -3.89
CA ASP A 279 16.42 18.01 -3.91
C ASP A 279 15.64 18.68 -2.78
N GLU A 280 16.32 18.93 -1.65
CA GLU A 280 15.64 19.51 -0.50
C GLU A 280 15.17 20.93 -0.76
N SER A 281 15.63 21.53 -1.86
CA SER A 281 15.21 22.88 -2.22
C SER A 281 13.83 22.92 -2.85
N LYS A 282 13.40 21.81 -3.40
CA LYS A 282 12.08 21.78 -3.98
C LYS A 282 11.10 21.19 -2.98
N GLY A 283 11.51 21.19 -1.70
CA GLY A 283 10.80 20.60 -0.58
C GLY A 283 10.70 19.16 -0.92
N GLY A 284 11.82 18.57 -1.29
CA GLY A 284 11.71 17.29 -1.87
C GLY A 284 11.19 16.04 -1.30
N LEU A 285 11.62 15.64 -0.15
CA LEU A 285 11.11 14.35 0.30
C LEU A 285 9.59 14.40 0.53
N TYR A 286 9.11 15.36 1.34
CA TYR A 286 7.69 15.33 1.71
C TYR A 286 6.78 15.59 0.51
N LEU A 287 7.29 16.22 -0.54
CA LEU A 287 6.49 16.50 -1.73
C LEU A 287 6.98 15.74 -2.96
N SER A 288 7.84 14.74 -2.78
CA SER A 288 8.36 13.96 -3.89
C SER A 288 7.51 12.71 -4.11
N ASP A 289 7.68 12.12 -5.29
CA ASP A 289 7.03 10.88 -5.63
C ASP A 289 7.94 10.19 -6.65
N ILE A 290 9.08 9.69 -6.19
CA ILE A 290 10.14 9.16 -7.06
C ILE A 290 10.07 7.64 -7.09
N GLY A 291 10.20 7.06 -8.26
CA GLY A 291 10.15 5.63 -8.37
C GLY A 291 10.05 5.17 -9.81
N PRO A 292 9.99 3.86 -10.02
CA PRO A 292 9.88 3.33 -11.39
C PRO A 292 8.68 3.88 -12.15
N TRP A 293 7.61 4.24 -11.45
CA TRP A 293 6.44 4.83 -12.10
C TRP A 293 6.72 6.23 -12.64
N ARG A 294 7.91 6.80 -12.39
CA ARG A 294 8.34 8.04 -13.03
C ARG A 294 9.41 7.79 -14.08
N ASP A 295 9.67 6.53 -14.40
CA ASP A 295 10.65 6.17 -15.40
C ASP A 295 9.93 5.72 -16.67
N PRO A 296 10.11 6.42 -17.82
CA PRO A 296 9.41 6.02 -19.05
C PRO A 296 9.64 4.56 -19.46
N LYS A 297 10.78 3.96 -19.12
CA LYS A 297 10.96 2.57 -19.54
C LYS A 297 10.07 1.61 -18.75
N TYR A 298 9.45 2.05 -17.67
CA TYR A 298 8.53 1.18 -16.93
C TYR A 298 7.10 1.71 -16.91
N ILE A 299 6.76 2.69 -17.75
CA ILE A 299 5.39 3.22 -17.85
C ILE A 299 4.73 2.64 -19.09
N GLY A 300 3.56 2.01 -18.91
CA GLY A 300 2.91 1.30 -19.98
C GLY A 300 1.76 2.11 -20.56
N PRO A 301 0.77 1.44 -21.17
CA PRO A 301 -0.31 2.18 -21.84
C PRO A 301 -1.16 3.01 -20.90
N GLU A 302 -1.07 2.79 -19.58
CA GLU A 302 -1.82 3.62 -18.65
C GLU A 302 -1.31 5.05 -18.62
N GLY A 303 -0.09 5.29 -19.09
CA GLY A 303 0.52 6.62 -19.01
C GLY A 303 1.04 6.91 -17.62
N GLU A 304 1.66 8.07 -17.48
CA GLU A 304 2.28 8.44 -16.21
C GLU A 304 1.25 8.88 -15.17
N ALA A 305 1.49 8.50 -13.93
CA ALA A 305 0.62 8.85 -12.82
C ALA A 305 0.53 10.37 -12.69
N PRO A 306 -0.60 10.88 -12.24
CA PRO A 306 -0.74 12.33 -12.04
C PRO A 306 0.12 12.80 -10.88
N GLU A 307 0.26 14.11 -10.77
CA GLU A 307 0.84 14.76 -9.59
C GLU A 307 -0.26 15.19 -8.60
#